data_1BVL
#
_entry.id   1BVL
#
_cell.length_a   143.000
_cell.length_b   143.000
_cell.length_c   72.900
_cell.angle_alpha   90.00
_cell.angle_beta   90.00
_cell.angle_gamma   90.00
#
_symmetry.space_group_name_H-M   'P 43 21 2'
#
loop_
_entity.id
_entity.type
_entity.pdbx_description
1 polymer HULYS11
2 polymer HULYS11
#
loop_
_entity_poly.entity_id
_entity_poly.type
_entity_poly.pdbx_seq_one_letter_code
_entity_poly.pdbx_strand_id
1 'polypeptide(L)'
;QVQLQESGPGLVRPSQTLSLTCTVSGFSLTGYGVNWVRQPPGRGLEWIGMIWGDGNTDYNSALKSRVTMLKDTSKNQFSL
RLSSVTAADTAVYYCARERDYRLDYWGQGSLVTVSSG
;
A,C
2 'polypeptide(L)'
;DIQMTQSPSSLSASVGDRVTITCRASGNIHNYLAWYQQKPGKAPKLLIYYTTTLADGVPSRFSGSGSGTDYTFTISSLQP
EDIATYYCQHFWSTPRTFGQGTKVEIKR
;
B,D
#
# COMPACT_ATOMS: atom_id res chain seq x y z
N GLN A 1 13.17 18.53 -14.96
CA GLN A 1 13.43 17.19 -14.37
C GLN A 1 13.65 16.15 -15.44
N VAL A 2 13.38 14.89 -15.13
CA VAL A 2 13.55 13.79 -16.10
C VAL A 2 12.33 12.90 -16.05
N GLN A 3 11.65 12.73 -17.19
CA GLN A 3 10.43 11.92 -17.22
C GLN A 3 10.05 11.28 -18.56
N LEU A 4 9.30 10.18 -18.47
CA LEU A 4 8.77 9.48 -19.65
C LEU A 4 7.25 9.37 -19.44
N GLN A 5 6.51 8.86 -20.40
CA GLN A 5 5.09 8.77 -20.17
C GLN A 5 4.29 7.99 -21.18
N GLU A 6 3.94 6.77 -20.83
CA GLU A 6 3.15 5.99 -21.76
C GLU A 6 1.88 6.76 -21.91
N SER A 7 1.25 6.60 -23.07
CA SER A 7 -0.01 7.23 -23.41
C SER A 7 -0.60 6.21 -24.38
N GLY A 8 -1.89 6.33 -24.71
CA GLY A 8 -2.44 5.40 -25.68
C GLY A 8 -3.67 4.59 -25.38
N PRO A 9 -4.22 3.95 -26.43
CA PRO A 9 -5.42 3.11 -26.43
C PRO A 9 -5.44 2.22 -25.22
N GLY A 10 -6.37 2.47 -24.33
CA GLY A 10 -6.48 1.68 -23.13
C GLY A 10 -7.05 0.32 -23.47
N LEU A 11 -7.80 0.27 -24.55
CA LEU A 11 -8.42 -0.98 -24.94
C LEU A 11 -8.22 -1.22 -26.42
N VAL A 12 -7.84 -2.45 -26.75
CA VAL A 12 -7.60 -2.83 -28.15
C VAL A 12 -8.41 -4.06 -28.48
N ARG A 13 -8.93 -4.16 -29.70
CA ARG A 13 -9.70 -5.33 -30.14
C ARG A 13 -8.73 -6.37 -30.69
N PRO A 14 -8.80 -7.62 -30.18
CA PRO A 14 -7.93 -8.72 -30.61
C PRO A 14 -7.89 -8.88 -32.12
N SER A 15 -6.70 -9.24 -32.62
CA SER A 15 -6.35 -9.43 -34.02
C SER A 15 -5.72 -8.13 -34.56
N GLN A 16 -5.90 -7.09 -33.77
CA GLN A 16 -5.42 -5.78 -34.10
C GLN A 16 -4.01 -5.53 -33.70
N THR A 17 -3.63 -4.31 -33.99
CA THR A 17 -2.30 -3.83 -33.71
C THR A 17 -2.29 -2.72 -32.69
N LEU A 18 -1.94 -3.05 -31.45
CA LEU A 18 -1.82 -2.12 -30.32
C LEU A 18 -0.59 -1.17 -30.50
N SER A 19 -0.69 0.07 -30.01
CA SER A 19 0.45 0.97 -30.11
C SER A 19 0.45 2.02 -29.03
N LEU A 20 1.65 2.33 -28.55
CA LEU A 20 1.83 3.29 -27.47
C LEU A 20 2.94 4.28 -27.75
N THR A 21 2.81 5.45 -27.14
CA THR A 21 3.80 6.48 -27.27
C THR A 21 4.45 6.55 -25.93
N CYS A 22 5.68 6.98 -25.91
CA CYS A 22 6.39 7.15 -24.68
C CYS A 22 7.05 8.46 -24.94
N THR A 23 6.49 9.48 -24.30
CA THR A 23 7.01 10.83 -24.40
C THR A 23 8.04 11.11 -23.27
N VAL A 24 9.29 11.21 -23.68
CA VAL A 24 10.38 11.47 -22.77
C VAL A 24 10.54 12.96 -22.76
N SER A 25 11.45 13.48 -21.94
CA SER A 25 11.71 14.92 -21.90
C SER A 25 12.44 15.26 -20.64
N GLY A 26 13.73 15.52 -20.78
CA GLY A 26 14.56 15.83 -19.64
C GLY A 26 15.93 15.20 -19.88
N PHE A 27 16.06 14.47 -20.99
CA PHE A 27 17.31 13.82 -21.42
C PHE A 27 17.28 13.87 -22.97
N SER A 28 18.34 13.39 -23.62
CA SER A 28 18.43 13.39 -25.09
C SER A 28 17.97 12.06 -25.71
N LEU A 29 17.40 12.10 -26.92
CA LEU A 29 16.92 10.87 -27.57
C LEU A 29 18.00 10.00 -28.18
N THR A 30 19.18 10.58 -28.41
CA THR A 30 20.29 9.85 -29.03
C THR A 30 21.33 9.15 -28.09
N GLY A 31 21.72 9.81 -27.00
CA GLY A 31 22.66 9.19 -26.08
C GLY A 31 21.99 8.42 -24.96
N TYR A 32 20.76 8.00 -25.22
CA TYR A 32 19.96 7.25 -24.28
C TYR A 32 19.04 6.23 -24.92
N GLY A 33 18.94 5.09 -24.23
CA GLY A 33 18.08 4.01 -24.66
C GLY A 33 16.74 4.04 -23.96
N VAL A 34 15.72 3.61 -24.67
CA VAL A 34 14.40 3.56 -24.08
C VAL A 34 14.03 2.10 -24.18
N ASN A 35 13.87 1.48 -23.00
CA ASN A 35 13.52 0.07 -22.81
C ASN A 35 12.05 -0.07 -22.64
N TRP A 36 11.50 -1.15 -23.15
CA TRP A 36 10.08 -1.36 -23.00
C TRP A 36 9.74 -2.67 -22.29
N VAL A 37 9.18 -2.58 -21.08
CA VAL A 37 8.77 -3.76 -20.32
C VAL A 37 7.26 -3.68 -20.05
N ARG A 38 6.59 -4.83 -20.10
CA ARG A 38 5.15 -4.98 -19.88
C ARG A 38 4.96 -6.01 -18.77
N GLN A 39 3.75 -6.16 -18.30
CA GLN A 39 3.54 -7.10 -17.22
C GLN A 39 2.07 -7.38 -17.10
N PRO A 40 1.64 -8.50 -17.70
CA PRO A 40 0.27 -8.95 -17.72
C PRO A 40 0.00 -9.09 -16.26
N PRO A 41 -1.12 -8.53 -15.78
CA PRO A 41 -1.63 -8.48 -14.40
C PRO A 41 -1.57 -9.74 -13.56
N GLY A 42 -0.90 -9.64 -12.42
CA GLY A 42 -0.75 -10.78 -11.55
C GLY A 42 0.49 -11.55 -11.93
N ARG A 43 0.90 -11.36 -13.16
CA ARG A 43 2.09 -12.00 -13.64
C ARG A 43 3.16 -10.90 -13.51
N GLY A 44 4.42 -11.30 -13.38
CA GLY A 44 5.50 -10.33 -13.25
C GLY A 44 5.95 -9.62 -14.52
N LEU A 45 6.94 -8.74 -14.33
CA LEU A 45 7.54 -7.92 -15.37
C LEU A 45 8.23 -8.71 -16.47
N GLU A 46 8.04 -8.34 -17.73
CA GLU A 46 8.76 -9.01 -18.80
C GLU A 46 9.33 -8.01 -19.83
N TRP A 47 10.58 -8.24 -20.22
CA TRP A 47 11.27 -7.36 -21.13
C TRP A 47 10.86 -7.51 -22.57
N ILE A 48 10.20 -6.51 -23.13
CA ILE A 48 9.81 -6.59 -24.54
C ILE A 48 11.05 -6.36 -25.41
N GLY A 49 11.68 -5.19 -25.25
CA GLY A 49 12.85 -4.87 -26.06
C GLY A 49 13.40 -3.49 -25.77
N MET A 50 14.08 -2.90 -26.74
CA MET A 50 14.67 -1.59 -26.50
C MET A 50 15.12 -0.94 -27.74
N ILE A 51 14.86 0.34 -27.83
CA ILE A 51 15.28 1.08 -29.00
C ILE A 51 16.38 2.02 -28.55
N TRP A 52 17.40 2.19 -29.39
CA TRP A 52 18.54 3.07 -29.15
C TRP A 52 18.35 4.45 -29.79
N GLY A 53 19.17 5.38 -29.35
CA GLY A 53 19.09 6.73 -29.88
C GLY A 53 19.33 6.75 -31.38
N ASP A 54 19.68 5.61 -31.97
CA ASP A 54 19.92 5.55 -33.42
C ASP A 54 18.84 4.82 -34.22
N GLY A 55 17.83 4.35 -33.49
CA GLY A 55 16.73 3.66 -34.13
C GLY A 55 16.87 2.17 -34.18
N ASN A 56 18.09 1.69 -33.97
CA ASN A 56 18.31 0.26 -33.95
C ASN A 56 17.59 -0.30 -32.77
N THR A 57 17.26 -1.57 -32.79
CA THR A 57 16.56 -2.14 -31.66
C THR A 57 16.84 -3.63 -31.44
N ASP A 58 16.72 -4.04 -30.16
CA ASP A 58 16.87 -5.42 -29.70
C ASP A 58 15.56 -5.99 -29.16
N TYR A 59 15.00 -6.99 -29.84
CA TYR A 59 13.75 -7.61 -29.39
C TYR A 59 13.83 -8.84 -28.49
N ASN A 60 12.73 -9.12 -27.84
CA ASN A 60 12.69 -10.28 -27.02
C ASN A 60 11.99 -11.37 -27.88
N SER A 61 12.80 -12.29 -28.43
CA SER A 61 12.39 -13.41 -29.33
C SER A 61 10.98 -13.96 -29.39
N ALA A 62 10.17 -13.66 -28.39
CA ALA A 62 8.80 -14.11 -28.37
C ALA A 62 8.04 -13.06 -29.09
N LEU A 63 8.41 -11.83 -28.84
CA LEU A 63 7.74 -10.71 -29.49
C LEU A 63 8.46 -10.19 -30.74
N LYS A 64 9.61 -10.74 -31.12
CA LYS A 64 10.26 -10.20 -32.31
C LYS A 64 9.34 -10.36 -33.47
N SER A 65 8.68 -11.49 -33.49
CA SER A 65 7.72 -11.89 -34.49
C SER A 65 6.60 -10.86 -34.73
N ARG A 66 6.37 -9.97 -33.77
CA ARG A 66 5.35 -8.96 -33.95
C ARG A 66 5.49 -7.57 -33.31
N VAL A 67 6.51 -7.32 -32.49
CA VAL A 67 6.70 -5.99 -31.86
C VAL A 67 7.48 -5.13 -32.80
N THR A 68 7.44 -3.82 -32.62
CA THR A 68 8.18 -2.88 -33.48
C THR A 68 8.38 -1.54 -32.76
N MET A 69 9.61 -1.09 -32.63
CA MET A 69 9.82 0.14 -31.92
C MET A 69 10.37 1.24 -32.76
N LEU A 70 9.73 2.39 -32.68
CA LEU A 70 10.20 3.52 -33.43
C LEU A 70 10.53 4.63 -32.48
N LYS A 71 11.03 5.73 -33.07
CA LYS A 71 11.38 6.92 -32.34
C LYS A 71 11.12 8.15 -33.20
N ASP A 72 10.64 9.21 -32.59
CA ASP A 72 10.32 10.42 -33.35
C ASP A 72 11.25 11.46 -32.81
N THR A 73 12.46 11.48 -33.38
CA THR A 73 13.53 12.41 -33.01
C THR A 73 12.96 13.79 -32.70
N SER A 74 12.05 14.17 -33.58
CA SER A 74 11.36 15.46 -33.61
C SER A 74 10.23 15.70 -32.64
N LYS A 75 10.12 14.89 -31.61
CA LYS A 75 8.99 15.06 -30.69
C LYS A 75 9.21 14.42 -29.35
N ASN A 76 10.44 14.18 -28.94
CA ASN A 76 10.73 13.54 -27.65
C ASN A 76 9.93 12.28 -27.38
N GLN A 77 9.59 11.53 -28.43
CA GLN A 77 8.81 10.34 -28.19
C GLN A 77 9.22 9.08 -28.91
N PHE A 78 8.92 7.94 -28.28
CA PHE A 78 9.24 6.63 -28.82
C PHE A 78 7.95 5.83 -28.98
N SER A 79 7.90 5.03 -30.03
CA SER A 79 6.73 4.24 -30.31
C SER A 79 7.04 2.76 -30.21
N LEU A 80 6.03 2.04 -29.75
CA LEU A 80 6.07 0.61 -29.56
C LEU A 80 4.78 0.16 -30.21
N ARG A 81 4.87 -0.89 -31.02
CA ARG A 81 3.74 -1.42 -31.73
C ARG A 81 3.70 -2.93 -31.63
N LEU A 82 2.65 -3.48 -31.02
CA LEU A 82 2.47 -4.94 -30.91
C LEU A 82 1.41 -5.29 -31.96
N SER A 83 1.37 -6.53 -32.45
CA SER A 83 0.40 -6.88 -33.50
C SER A 83 -0.36 -8.17 -33.34
N SER A 84 -1.48 -8.20 -34.03
CA SER A 84 -2.35 -9.35 -34.03
C SER A 84 -2.47 -9.71 -32.58
N VAL A 85 -2.67 -8.64 -31.83
CA VAL A 85 -2.82 -8.68 -30.40
C VAL A 85 -3.92 -9.71 -29.98
N THR A 86 -3.79 -10.34 -28.81
CA THR A 86 -4.82 -11.31 -28.33
C THR A 86 -4.95 -11.11 -26.86
N ALA A 87 -5.87 -11.79 -26.19
CA ALA A 87 -6.00 -11.58 -24.76
C ALA A 87 -4.74 -11.85 -23.95
N ALA A 88 -3.78 -12.56 -24.55
CA ALA A 88 -2.52 -12.85 -23.86
C ALA A 88 -1.57 -11.64 -23.74
N ASP A 89 -1.96 -10.53 -24.38
CA ASP A 89 -1.22 -9.27 -24.41
C ASP A 89 -1.83 -8.17 -23.52
N THR A 90 -2.96 -8.46 -22.89
CA THR A 90 -3.57 -7.45 -22.05
C THR A 90 -2.66 -7.27 -20.84
N ALA A 91 -2.17 -6.04 -20.68
CA ALA A 91 -1.27 -5.73 -19.59
C ALA A 91 -0.88 -4.28 -19.57
N VAL A 92 -0.09 -3.96 -18.54
CA VAL A 92 0.42 -2.62 -18.29
C VAL A 92 1.78 -2.45 -18.93
N TYR A 93 1.87 -1.53 -19.88
CA TYR A 93 3.09 -1.24 -20.62
C TYR A 93 3.89 -0.10 -20.02
N TYR A 94 5.21 -0.28 -19.94
CA TYR A 94 6.12 0.67 -19.35
C TYR A 94 7.26 0.99 -20.29
N CYS A 95 7.62 2.26 -20.36
CA CYS A 95 8.76 2.63 -21.13
C CYS A 95 9.67 3.17 -20.02
N ALA A 96 10.98 2.96 -20.15
CA ALA A 96 11.92 3.38 -19.12
C ALA A 96 13.27 3.73 -19.68
N ARG A 97 14.01 4.64 -19.04
CA ARG A 97 15.31 4.96 -19.56
C ARG A 97 16.36 4.08 -19.01
N GLU A 98 17.11 3.43 -19.90
CA GLU A 98 18.23 2.58 -19.49
C GLU A 98 19.41 3.52 -19.50
N ARG A 99 20.05 3.68 -18.34
CA ARG A 99 21.20 4.53 -18.27
C ARG A 99 22.26 3.88 -17.44
N ASP A 100 23.21 3.26 -18.12
CA ASP A 100 24.31 2.58 -17.48
C ASP A 100 23.95 1.26 -16.87
N TYR A 101 23.36 0.42 -17.69
CA TYR A 101 22.97 -0.88 -17.22
C TYR A 101 21.85 -0.83 -16.21
N ARG A 102 21.14 0.31 -16.09
CA ARG A 102 20.03 0.40 -15.15
C ARG A 102 18.90 1.10 -15.84
N LEU A 103 17.68 0.81 -15.45
CA LEU A 103 16.57 1.56 -16.02
C LEU A 103 16.27 2.56 -14.86
N ASP A 104 16.88 3.72 -14.91
CA ASP A 104 16.65 4.64 -13.83
C ASP A 104 15.32 5.33 -13.81
N TYR A 105 14.74 5.60 -14.96
CA TYR A 105 13.49 6.31 -14.98
C TYR A 105 12.44 5.61 -15.80
N TRP A 106 11.33 5.31 -15.13
CA TRP A 106 10.16 4.61 -15.70
C TRP A 106 8.94 5.52 -15.83
N GLY A 107 8.02 5.19 -16.75
CA GLY A 107 6.81 5.96 -16.85
C GLY A 107 5.96 5.17 -15.88
N GLN A 108 4.71 5.57 -15.63
CA GLN A 108 3.84 4.72 -14.81
C GLN A 108 2.94 4.27 -15.87
N GLY A 109 3.34 3.16 -16.47
CA GLY A 109 2.64 2.58 -17.59
C GLY A 109 1.16 2.72 -17.79
N SER A 110 0.76 2.41 -19.01
CA SER A 110 -0.63 2.46 -19.30
C SER A 110 -1.12 1.03 -19.59
N LEU A 111 -2.24 0.70 -18.95
CA LEU A 111 -2.90 -0.57 -19.08
C LEU A 111 -3.54 -0.66 -20.44
N VAL A 112 -3.45 -1.83 -21.02
CA VAL A 112 -4.07 -2.05 -22.29
C VAL A 112 -4.82 -3.34 -22.16
N THR A 113 -6.11 -3.31 -22.43
CA THR A 113 -6.87 -4.54 -22.36
C THR A 113 -7.46 -4.84 -23.70
N VAL A 114 -7.04 -5.97 -24.25
CA VAL A 114 -7.51 -6.45 -25.53
C VAL A 114 -8.72 -7.30 -25.26
N SER A 115 -9.72 -7.16 -26.13
CA SER A 115 -10.94 -7.93 -26.05
C SER A 115 -12.00 -7.41 -26.98
N SER A 116 -12.81 -8.35 -27.50
CA SER A 116 -13.90 -8.03 -28.40
C SER A 116 -15.10 -7.53 -27.64
N ASP B 1 21.27 -16.14 -24.40
CA ASP B 1 20.78 -15.19 -23.36
C ASP B 1 20.47 -15.79 -21.98
N ILE B 2 20.99 -15.11 -20.96
CA ILE B 2 20.85 -15.51 -19.57
C ILE B 2 19.40 -15.50 -19.09
N GLN B 3 18.96 -16.65 -18.61
CA GLN B 3 17.64 -16.77 -18.04
C GLN B 3 17.95 -16.37 -16.61
N MET B 4 16.97 -15.82 -15.90
CA MET B 4 17.19 -15.43 -14.49
C MET B 4 16.31 -16.29 -13.57
N THR B 5 16.84 -16.73 -12.45
CA THR B 5 16.03 -17.57 -11.59
C THR B 5 16.13 -17.03 -10.21
N GLN B 6 15.11 -16.27 -9.87
CA GLN B 6 15.02 -15.60 -8.59
C GLN B 6 14.04 -16.33 -7.65
N SER B 7 14.31 -16.21 -6.35
CA SER B 7 13.53 -16.89 -5.35
C SER B 7 13.78 -16.39 -3.94
N PRO B 8 12.84 -16.67 -3.04
CA PRO B 8 11.61 -17.42 -3.33
C PRO B 8 10.57 -16.55 -4.01
N SER B 9 9.57 -17.18 -4.63
CA SER B 9 8.55 -16.42 -5.33
C SER B 9 7.72 -15.56 -4.41
N SER B 10 7.64 -16.00 -3.15
CA SER B 10 6.81 -15.33 -2.16
C SER B 10 7.23 -15.59 -0.71
N LEU B 11 7.74 -14.59 0.03
CA LEU B 11 8.09 -14.76 1.46
C LEU B 11 7.31 -13.92 2.46
N SER B 12 6.95 -14.51 3.59
CA SER B 12 6.21 -13.85 4.67
C SER B 12 7.15 -13.58 5.83
N ALA B 13 7.20 -12.33 6.26
CA ALA B 13 8.07 -11.87 7.33
C ALA B 13 7.39 -10.80 8.14
N SER B 14 7.64 -10.77 9.43
CA SER B 14 7.04 -9.74 10.24
C SER B 14 7.99 -8.58 10.17
N VAL B 15 7.56 -7.40 10.58
CA VAL B 15 8.48 -6.29 10.46
C VAL B 15 9.73 -6.50 11.29
N GLY B 16 10.74 -5.66 11.11
CA GLY B 16 11.96 -5.83 11.88
C GLY B 16 12.79 -6.99 11.37
N ASP B 17 12.12 -7.97 10.75
CA ASP B 17 12.77 -9.15 10.19
C ASP B 17 13.81 -8.82 9.14
N ARG B 18 14.83 -9.65 9.02
CA ARG B 18 15.85 -9.48 7.98
C ARG B 18 15.29 -10.26 6.79
N VAL B 19 15.66 -9.87 5.59
CA VAL B 19 15.15 -10.56 4.43
C VAL B 19 16.22 -10.55 3.33
N THR B 20 16.37 -11.71 2.69
CA THR B 20 17.36 -11.90 1.64
C THR B 20 16.74 -12.70 0.50
N ILE B 21 16.68 -12.08 -0.69
CA ILE B 21 16.16 -12.78 -1.86
C ILE B 21 17.33 -12.85 -2.80
N THR B 22 17.43 -13.98 -3.50
CA THR B 22 18.52 -14.27 -4.44
C THR B 22 18.12 -14.55 -5.89
N CYS B 23 18.96 -14.06 -6.80
CA CYS B 23 18.77 -14.27 -8.22
C CYS B 23 20.02 -15.02 -8.71
N ARG B 24 19.83 -16.03 -9.54
CA ARG B 24 21.00 -16.71 -10.09
C ARG B 24 20.87 -16.80 -11.60
N ALA B 25 21.58 -15.89 -12.26
CA ALA B 25 21.58 -15.82 -13.72
C ALA B 25 22.19 -17.09 -14.24
N SER B 26 21.77 -17.52 -15.43
CA SER B 26 22.35 -18.72 -16.04
C SER B 26 23.46 -18.23 -16.97
N GLY B 27 24.63 -17.98 -16.39
CA GLY B 27 25.76 -17.48 -17.14
C GLY B 27 26.16 -16.19 -16.48
N ASN B 28 27.40 -16.12 -16.01
CA ASN B 28 27.91 -14.95 -15.33
C ASN B 28 27.44 -13.67 -16.01
N ILE B 29 26.72 -12.83 -15.27
CA ILE B 29 26.27 -11.60 -15.87
C ILE B 29 27.13 -10.44 -15.38
N HIS B 30 28.26 -10.82 -14.83
CA HIS B 30 29.30 -9.92 -14.36
C HIS B 30 28.95 -8.77 -13.43
N ASN B 31 28.15 -9.03 -12.39
CA ASN B 31 27.72 -8.02 -11.40
C ASN B 31 26.64 -7.08 -11.94
N TYR B 32 26.42 -7.17 -13.25
CA TYR B 32 25.44 -6.38 -14.00
C TYR B 32 24.04 -6.85 -13.73
N LEU B 33 23.64 -6.71 -12.47
CA LEU B 33 22.33 -7.08 -11.97
C LEU B 33 21.79 -5.82 -11.26
N ALA B 34 20.50 -5.54 -11.43
CA ALA B 34 19.85 -4.39 -10.78
C ALA B 34 18.61 -4.94 -10.03
N TRP B 35 18.29 -4.43 -8.83
CA TRP B 35 17.10 -4.88 -8.08
C TRP B 35 16.04 -3.77 -8.12
N TYR B 36 14.76 -4.15 -8.20
CA TYR B 36 13.64 -3.19 -8.26
C TYR B 36 12.62 -3.50 -7.19
N GLN B 37 12.07 -2.47 -6.59
CA GLN B 37 11.07 -2.69 -5.58
C GLN B 37 9.84 -2.18 -6.24
N GLN B 38 8.82 -3.02 -6.35
CA GLN B 38 7.60 -2.58 -6.94
C GLN B 38 6.45 -2.78 -5.99
N LYS B 39 5.77 -1.69 -5.69
CA LYS B 39 4.65 -1.70 -4.78
C LYS B 39 3.37 -1.78 -5.56
N PRO B 40 2.47 -2.67 -5.13
CA PRO B 40 1.19 -2.84 -5.83
C PRO B 40 0.68 -1.53 -6.37
N GLY B 41 0.62 -1.44 -7.70
CA GLY B 41 0.08 -0.24 -8.30
C GLY B 41 0.97 0.70 -9.08
N LYS B 42 2.10 1.08 -8.49
CA LYS B 42 3.06 2.00 -9.12
C LYS B 42 4.01 1.23 -10.02
N ALA B 43 4.91 1.95 -10.69
CA ALA B 43 5.91 1.34 -11.58
C ALA B 43 7.03 0.91 -10.68
N PRO B 44 7.92 0.06 -11.20
CA PRO B 44 9.06 -0.43 -10.44
C PRO B 44 9.93 0.75 -10.10
N LYS B 45 10.66 0.66 -9.00
CA LYS B 45 11.59 1.71 -8.55
C LYS B 45 12.96 1.06 -8.42
N LEU B 46 14.03 1.76 -8.78
CA LEU B 46 15.37 1.18 -8.70
C LEU B 46 16.01 1.35 -7.33
N LEU B 47 16.21 0.24 -6.60
CA LEU B 47 16.81 0.34 -5.28
C LEU B 47 18.30 0.20 -5.41
N ILE B 48 18.70 -0.85 -6.14
CA ILE B 48 20.09 -1.23 -6.36
C ILE B 48 20.50 -1.60 -7.81
N TYR B 49 21.66 -1.12 -8.25
CA TYR B 49 22.18 -1.47 -9.57
C TYR B 49 23.62 -1.89 -9.43
N TYR B 50 24.09 -2.78 -10.28
CA TYR B 50 25.45 -3.28 -10.22
C TYR B 50 25.69 -4.09 -8.93
N THR B 51 24.74 -4.93 -8.58
CA THR B 51 24.81 -5.75 -7.39
C THR B 51 24.97 -4.99 -6.11
N THR B 52 26.05 -4.27 -5.99
CA THR B 52 26.34 -3.53 -4.79
C THR B 52 25.71 -2.13 -4.63
N THR B 53 25.62 -1.37 -5.72
CA THR B 53 25.16 0.00 -5.56
C THR B 53 23.68 0.40 -5.39
N LEU B 54 23.44 1.22 -4.36
CA LEU B 54 22.13 1.76 -4.00
C LEU B 54 21.85 2.99 -4.84
N ALA B 55 20.75 2.99 -5.58
CA ALA B 55 20.42 4.15 -6.37
C ALA B 55 20.27 5.33 -5.41
N ASP B 56 20.77 6.49 -5.80
CA ASP B 56 20.69 7.65 -4.94
C ASP B 56 19.30 7.82 -4.38
N GLY B 57 19.24 8.07 -3.09
CA GLY B 57 17.98 8.22 -2.39
C GLY B 57 17.62 6.96 -1.64
N VAL B 58 17.95 5.79 -2.18
CA VAL B 58 17.63 4.51 -1.55
C VAL B 58 18.29 4.47 -0.16
N PRO B 59 17.53 4.13 0.90
CA PRO B 59 18.08 4.07 2.25
C PRO B 59 19.02 2.89 2.37
N SER B 60 19.86 2.93 3.39
CA SER B 60 20.85 1.89 3.63
C SER B 60 20.35 0.56 4.21
N ARG B 61 19.06 0.29 4.10
CA ARG B 61 18.44 -0.94 4.67
C ARG B 61 18.30 -2.07 3.65
N PHE B 62 18.75 -1.78 2.43
CA PHE B 62 18.69 -2.73 1.32
C PHE B 62 20.14 -2.89 0.83
N SER B 63 20.51 -4.08 0.37
CA SER B 63 21.86 -4.29 -0.10
C SER B 63 21.83 -5.51 -0.98
N GLY B 64 22.88 -5.70 -1.75
CA GLY B 64 22.92 -6.86 -2.63
C GLY B 64 24.31 -7.42 -2.83
N SER B 65 24.43 -8.73 -2.75
CA SER B 65 25.74 -9.28 -2.96
C SER B 65 25.70 -10.38 -4.01
N GLY B 66 26.89 -10.80 -4.38
CA GLY B 66 27.05 -11.86 -5.34
C GLY B 66 28.12 -11.48 -6.33
N SER B 67 28.56 -12.49 -7.07
CA SER B 67 29.54 -12.29 -8.12
C SER B 67 29.24 -13.36 -9.14
N GLY B 68 29.82 -13.19 -10.32
CA GLY B 68 29.63 -14.13 -11.38
C GLY B 68 28.22 -14.52 -11.72
N THR B 69 27.74 -15.58 -11.08
CA THR B 69 26.43 -16.12 -11.37
C THR B 69 25.32 -15.99 -10.30
N ASP B 70 25.72 -16.12 -9.05
CA ASP B 70 24.76 -16.07 -7.97
C ASP B 70 24.83 -14.79 -7.16
N TYR B 71 23.77 -13.98 -7.27
CA TYR B 71 23.68 -12.72 -6.54
C TYR B 71 22.52 -12.77 -5.52
N THR B 72 22.55 -11.80 -4.61
CA THR B 72 21.57 -11.70 -3.54
C THR B 72 21.14 -10.26 -3.32
N PHE B 73 19.99 -10.09 -2.66
CA PHE B 73 19.38 -8.80 -2.29
C PHE B 73 18.84 -8.98 -0.91
N THR B 74 19.05 -7.96 -0.08
CA THR B 74 18.61 -8.06 1.29
C THR B 74 18.00 -6.82 1.97
N ILE B 75 16.88 -7.02 2.67
CA ILE B 75 16.27 -5.93 3.44
C ILE B 75 16.70 -6.31 4.86
N SER B 76 17.34 -5.39 5.61
CA SER B 76 17.80 -5.71 6.98
C SER B 76 16.79 -5.78 8.10
N SER B 77 15.71 -5.02 8.00
CA SER B 77 14.63 -5.02 8.99
C SER B 77 13.44 -4.62 8.19
N LEU B 78 12.57 -5.58 7.91
CA LEU B 78 11.42 -5.28 7.08
C LEU B 78 10.59 -4.19 7.74
N GLN B 79 10.40 -3.03 7.08
CA GLN B 79 9.53 -1.98 7.63
C GLN B 79 8.25 -2.10 6.79
N PRO B 80 7.07 -1.69 7.31
CA PRO B 80 5.85 -1.82 6.53
C PRO B 80 5.96 -1.17 5.19
N GLU B 81 6.64 -0.03 5.12
CA GLU B 81 6.83 0.69 3.84
C GLU B 81 7.73 -0.08 2.85
N ASP B 82 7.93 -1.38 3.10
CA ASP B 82 8.80 -2.20 2.26
C ASP B 82 8.12 -3.41 1.77
N ILE B 83 6.86 -3.54 2.17
CA ILE B 83 6.11 -4.68 1.76
C ILE B 83 5.84 -4.49 0.27
N ALA B 84 6.52 -5.25 -0.59
CA ALA B 84 6.36 -5.17 -2.05
C ALA B 84 7.08 -6.31 -2.80
N THR B 85 6.87 -6.39 -4.10
CA THR B 85 7.54 -7.41 -4.88
C THR B 85 8.90 -6.88 -5.33
N TYR B 86 9.94 -7.70 -5.42
CA TYR B 86 11.25 -7.19 -5.90
C TYR B 86 11.75 -8.05 -7.03
N TYR B 87 12.24 -7.41 -8.10
CA TYR B 87 12.72 -8.17 -9.26
C TYR B 87 14.12 -7.68 -9.57
N CYS B 88 14.96 -8.61 -10.06
CA CYS B 88 16.31 -8.30 -10.46
C CYS B 88 16.33 -8.44 -11.97
N GLN B 89 17.23 -7.75 -12.65
CA GLN B 89 17.34 -7.95 -14.09
C GLN B 89 18.74 -7.67 -14.47
N HIS B 90 19.44 -8.64 -15.04
CA HIS B 90 20.82 -8.42 -15.40
C HIS B 90 20.85 -7.51 -16.61
N PHE B 91 22.03 -7.00 -16.93
CA PHE B 91 22.23 -6.13 -18.08
C PHE B 91 23.50 -6.55 -18.80
N TRP B 92 24.13 -7.61 -18.35
CA TRP B 92 25.37 -8.09 -18.96
C TRP B 92 25.25 -8.13 -20.46
N SER B 93 24.04 -8.41 -20.91
CA SER B 93 23.75 -8.51 -22.32
C SER B 93 22.26 -8.53 -22.59
N THR B 94 21.89 -8.27 -23.85
CA THR B 94 20.49 -8.37 -24.26
C THR B 94 20.22 -9.83 -24.58
N PRO B 95 19.02 -10.31 -24.26
CA PRO B 95 17.94 -9.58 -23.64
C PRO B 95 18.03 -9.47 -22.14
N ARG B 96 17.80 -8.24 -21.69
CA ARG B 96 17.78 -7.88 -20.29
C ARG B 96 16.61 -8.53 -19.55
N THR B 97 16.75 -9.81 -19.22
CA THR B 97 15.73 -10.57 -18.50
C THR B 97 15.53 -10.22 -17.02
N PHE B 98 14.35 -10.55 -16.49
CA PHE B 98 13.97 -10.28 -15.10
C PHE B 98 13.71 -11.53 -14.26
N GLY B 99 13.86 -11.37 -12.96
CA GLY B 99 13.57 -12.47 -12.09
C GLY B 99 12.06 -12.69 -12.08
N GLN B 100 11.66 -13.82 -11.50
CA GLN B 100 10.27 -14.22 -11.37
C GLN B 100 9.53 -13.26 -10.40
N GLY B 101 10.32 -12.60 -9.56
CA GLY B 101 9.82 -11.65 -8.58
C GLY B 101 9.58 -12.23 -7.19
N THR B 102 10.05 -11.55 -6.16
CA THR B 102 9.78 -12.03 -4.82
C THR B 102 8.68 -11.18 -4.17
N LYS B 103 7.65 -11.86 -3.68
CA LYS B 103 6.52 -11.22 -3.03
C LYS B 103 6.80 -11.16 -1.55
N VAL B 104 7.12 -9.99 -1.04
CA VAL B 104 7.40 -9.83 0.37
C VAL B 104 6.04 -9.53 1.04
N GLU B 105 5.71 -10.27 2.07
CA GLU B 105 4.40 -10.12 2.73
C GLU B 105 4.46 -10.18 4.24
N ILE B 106 3.80 -9.26 4.94
CA ILE B 106 3.76 -9.32 6.39
C ILE B 106 3.09 -10.63 6.90
N LYS B 107 3.80 -11.44 7.67
CA LYS B 107 3.24 -12.70 8.15
C LYS B 107 1.93 -12.54 8.94
N ARG B 108 0.76 -12.84 8.37
CA ARG B 108 -0.45 -12.67 9.18
C ARG B 108 -0.70 -13.90 10.08
N GLN C 1 -10.57 -15.62 22.74
CA GLN C 1 -10.88 -15.21 24.14
C GLN C 1 -10.52 -13.74 24.45
N VAL C 2 -10.04 -12.97 23.47
CA VAL C 2 -9.71 -11.55 23.72
C VAL C 2 -10.96 -10.72 23.69
N GLN C 3 -11.00 -9.67 24.50
CA GLN C 3 -12.17 -8.85 24.52
C GLN C 3 -12.11 -7.65 25.43
N LEU C 4 -12.94 -6.69 25.08
CA LEU C 4 -13.07 -5.46 25.82
C LEU C 4 -14.56 -5.10 25.99
N GLN C 5 -14.91 -4.50 27.12
CA GLN C 5 -16.29 -4.13 27.30
C GLN C 5 -16.27 -2.86 28.00
N GLU C 6 -16.80 -1.83 27.36
CA GLU C 6 -16.80 -0.54 28.00
C GLU C 6 -18.02 -0.37 28.91
N SER C 7 -17.82 0.35 30.00
CA SER C 7 -18.88 0.61 30.94
C SER C 7 -18.83 1.98 31.61
N GLY C 8 -20.00 2.45 32.02
CA GLY C 8 -20.09 3.75 32.66
C GLY C 8 -21.46 4.40 32.61
N PRO C 9 -21.57 5.65 33.11
CA PRO C 9 -22.81 6.41 33.15
C PRO C 9 -23.36 6.46 31.76
N GLY C 10 -24.66 6.66 31.64
CA GLY C 10 -25.25 6.74 30.32
C GLY C 10 -25.67 8.16 30.02
N LEU C 11 -25.74 8.94 31.10
CA LEU C 11 -26.14 10.35 31.08
C LEU C 11 -25.20 11.08 32.02
N VAL C 12 -24.72 12.22 31.57
CA VAL C 12 -23.79 13.05 32.33
C VAL C 12 -24.21 14.50 32.27
N ARG C 13 -23.95 15.25 33.32
CA ARG C 13 -24.35 16.61 33.26
C ARG C 13 -23.25 17.56 32.92
N PRO C 14 -23.56 18.53 32.07
CA PRO C 14 -22.63 19.54 31.61
C PRO C 14 -21.78 20.07 32.73
N SER C 15 -20.47 20.18 32.49
CA SER C 15 -19.46 20.64 33.44
C SER C 15 -18.93 19.52 34.29
N GLN C 16 -19.72 18.46 34.38
CA GLN C 16 -19.34 17.33 35.19
C GLN C 16 -18.31 16.43 34.55
N THR C 17 -17.86 15.44 35.29
CA THR C 17 -16.85 14.55 34.82
C THR C 17 -17.24 13.11 34.49
N LEU C 18 -17.38 12.88 33.19
CA LEU C 18 -17.67 11.61 32.57
C LEU C 18 -16.49 10.75 33.02
N SER C 19 -16.79 9.54 33.42
CA SER C 19 -15.76 8.68 33.90
C SER C 19 -16.27 7.35 33.45
N LEU C 20 -15.64 6.76 32.45
CA LEU C 20 -16.08 5.45 32.03
C LEU C 20 -14.99 4.41 32.11
N THR C 21 -15.37 3.16 31.88
CA THR C 21 -14.43 2.08 32.11
C THR C 21 -14.31 0.99 31.07
N CYS C 22 -13.20 0.26 31.08
CA CYS C 22 -13.09 -0.78 30.10
C CYS C 22 -12.52 -2.07 30.58
N THR C 23 -13.40 -3.04 30.80
CA THR C 23 -13.01 -4.38 31.26
C THR C 23 -12.51 -5.30 30.16
N VAL C 24 -11.31 -5.81 30.31
CA VAL C 24 -10.76 -6.65 29.25
C VAL C 24 -10.40 -8.03 29.79
N SER C 25 -10.00 -8.93 28.88
CA SER C 25 -9.56 -10.30 29.21
C SER C 25 -9.12 -10.97 27.95
N GLY C 26 -8.19 -11.88 28.07
CA GLY C 26 -7.78 -12.51 26.86
C GLY C 26 -6.40 -12.06 26.48
N PHE C 27 -5.92 -10.96 27.04
CA PHE C 27 -4.57 -10.49 26.73
C PHE C 27 -4.06 -9.79 27.95
N SER C 28 -2.78 -9.40 27.91
CA SER C 28 -2.12 -8.71 29.04
C SER C 28 -2.12 -7.18 28.92
N LEU C 29 -2.64 -6.52 29.94
CA LEU C 29 -2.73 -5.09 29.99
C LEU C 29 -1.37 -4.40 29.89
N THR C 30 -0.30 -5.11 30.21
CA THR C 30 1.04 -4.50 30.14
C THR C 30 1.78 -4.96 28.90
N GLY C 31 1.18 -5.93 28.23
CA GLY C 31 1.75 -6.42 27.01
C GLY C 31 1.16 -5.63 25.86
N TYR C 32 -0.11 -5.27 26.02
CA TYR C 32 -0.82 -4.48 25.03
C TYR C 32 -1.56 -3.35 25.71
N GLY C 33 -1.55 -2.18 25.06
CA GLY C 33 -2.24 -1.03 25.63
C GLY C 33 -3.61 -0.87 25.03
N VAL C 34 -4.26 0.22 25.34
CA VAL C 34 -5.58 0.42 24.77
C VAL C 34 -5.77 1.80 24.15
N ASN C 35 -6.69 1.93 23.20
CA ASN C 35 -6.95 3.20 22.57
C ASN C 35 -8.43 3.49 22.82
N TRP C 36 -8.80 4.74 23.08
CA TRP C 36 -10.18 5.07 23.31
C TRP C 36 -10.57 5.86 22.10
N VAL C 37 -11.73 5.60 21.52
CA VAL C 37 -12.14 6.40 20.40
C VAL C 37 -13.58 6.64 20.70
N ARG C 38 -14.14 7.72 20.16
CA ARG C 38 -15.53 7.97 20.34
C ARG C 38 -16.16 8.36 18.99
N GLN C 39 -17.47 8.28 18.88
CA GLN C 39 -18.16 8.61 17.63
C GLN C 39 -19.51 9.22 17.91
N PRO C 40 -19.62 10.53 17.81
CA PRO C 40 -20.87 11.21 18.06
C PRO C 40 -21.90 10.51 17.25
N PRO C 41 -23.09 10.31 17.80
CA PRO C 41 -24.18 9.63 17.11
C PRO C 41 -24.42 10.12 15.67
N GLY C 42 -24.10 9.19 14.76
CA GLY C 42 -24.20 9.40 13.34
C GLY C 42 -23.09 10.29 12.79
N ARG C 43 -22.01 10.50 13.54
CA ARG C 43 -21.00 11.43 13.05
C ARG C 43 -19.56 11.06 12.72
N GLY C 44 -19.13 9.80 12.77
CA GLY C 44 -17.71 9.54 12.46
C GLY C 44 -16.76 9.32 13.64
N LEU C 45 -15.62 8.65 13.42
CA LEU C 45 -14.71 8.30 14.52
C LEU C 45 -13.76 9.38 14.91
N GLU C 46 -13.59 9.59 16.22
CA GLU C 46 -12.66 10.58 16.76
C GLU C 46 -11.75 9.81 17.73
N TRP C 47 -10.44 9.97 17.61
CA TRP C 47 -9.48 9.29 18.48
C TRP C 47 -9.24 10.12 19.78
N ILE C 48 -9.55 9.59 20.99
CA ILE C 48 -9.27 10.39 22.20
C ILE C 48 -7.79 10.38 22.50
N GLY C 49 -7.21 9.20 22.43
CA GLY C 49 -5.80 9.02 22.73
C GLY C 49 -5.59 7.56 23.07
N MET C 50 -4.39 7.22 23.51
CA MET C 50 -4.10 5.83 23.82
C MET C 50 -3.41 5.77 25.15
N ILE C 51 -3.25 4.55 25.66
CA ILE C 51 -2.51 4.26 26.88
C ILE C 51 -1.63 3.07 26.48
N TRP C 52 -0.32 3.31 26.45
CA TRP C 52 0.62 2.31 26.05
C TRP C 52 0.63 1.05 26.87
N GLY C 53 1.43 0.10 26.42
CA GLY C 53 1.50 -1.13 27.17
C GLY C 53 2.05 -0.75 28.53
N ASP C 54 2.99 0.18 28.55
CA ASP C 54 3.63 0.63 29.78
C ASP C 54 2.95 1.79 30.47
N GLY C 55 1.63 1.73 30.54
CA GLY C 55 0.87 2.76 31.21
C GLY C 55 0.96 4.15 30.61
N ASN C 56 2.01 4.40 29.84
CA ASN C 56 2.16 5.70 29.23
C ASN C 56 1.00 6.06 28.34
N THR C 57 0.52 7.29 28.47
CA THR C 57 -0.61 7.75 27.68
C THR C 57 -0.26 8.83 26.64
N ASP C 58 -1.16 9.01 25.66
CA ASP C 58 -1.09 9.99 24.56
C ASP C 58 -2.48 10.45 24.11
N TYR C 59 -2.89 11.68 24.45
CA TYR C 59 -4.24 12.17 24.10
C TYR C 59 -4.28 13.23 22.99
N ASN C 60 -5.36 13.31 22.23
CA ASN C 60 -5.32 14.31 21.20
C ASN C 60 -5.20 15.72 21.77
N SER C 61 -4.50 16.54 21.03
CA SER C 61 -4.24 17.92 21.36
C SER C 61 -5.47 18.66 21.82
N ALA C 62 -6.65 18.24 21.37
CA ALA C 62 -7.86 18.91 21.83
C ALA C 62 -8.14 18.49 23.29
N LEU C 63 -8.73 17.30 23.43
CA LEU C 63 -9.10 16.72 24.71
C LEU C 63 -7.93 16.85 25.64
N LYS C 64 -6.79 16.25 25.30
CA LYS C 64 -5.57 16.29 26.10
C LYS C 64 -5.68 16.89 27.48
N SER C 65 -5.91 18.19 27.51
CA SER C 65 -6.08 18.94 28.72
C SER C 65 -7.24 18.50 29.66
N ARG C 66 -8.08 17.56 29.25
CA ARG C 66 -9.17 17.12 30.13
C ARG C 66 -9.48 15.61 30.16
N VAL C 67 -8.83 14.85 29.31
CA VAL C 67 -9.02 13.42 29.27
C VAL C 67 -7.94 12.81 30.16
N THR C 68 -8.24 11.69 30.83
CA THR C 68 -7.26 11.02 31.71
C THR C 68 -7.31 9.46 31.62
N MET C 69 -6.28 8.85 31.04
CA MET C 69 -6.29 7.42 30.94
C MET C 69 -5.51 6.80 32.05
N LEU C 70 -6.01 5.68 32.57
CA LEU C 70 -5.39 4.91 33.64
C LEU C 70 -5.50 3.42 33.35
N LYS C 71 -4.79 2.62 34.13
CA LYS C 71 -4.78 1.18 33.94
C LYS C 71 -4.80 0.52 35.32
N ASP C 72 -5.69 -0.48 35.48
CA ASP C 72 -5.77 -1.17 36.75
C ASP C 72 -4.97 -2.44 36.76
N THR C 73 -5.15 -3.26 35.73
CA THR C 73 -4.47 -4.54 35.66
C THR C 73 -4.88 -5.40 36.85
N SER C 74 -5.63 -4.85 37.80
CA SER C 74 -6.10 -5.66 38.93
C SER C 74 -7.26 -6.21 38.19
N LYS C 75 -8.46 -5.66 38.36
CA LYS C 75 -9.48 -6.29 37.55
C LYS C 75 -9.58 -5.74 36.18
N ASN C 76 -8.51 -6.06 35.45
CA ASN C 76 -8.27 -5.73 34.07
C ASN C 76 -9.11 -4.65 33.50
N GLN C 77 -8.61 -3.43 33.61
CA GLN C 77 -9.36 -2.35 33.06
C GLN C 77 -8.63 -1.03 32.92
N PHE C 78 -8.98 -0.32 31.86
CA PHE C 78 -8.45 1.00 31.66
C PHE C 78 -9.67 1.80 31.98
N SER C 79 -9.43 3.01 32.48
CA SER C 79 -10.47 3.94 32.79
C SER C 79 -10.10 5.19 32.00
N LEU C 80 -11.13 5.88 31.51
CA LEU C 80 -10.98 7.12 30.78
C LEU C 80 -11.59 8.13 31.73
N ARG C 81 -11.09 9.35 31.81
CA ARG C 81 -11.73 10.33 32.65
C ARG C 81 -11.74 11.63 31.91
N LEU C 82 -12.90 11.94 31.36
CA LEU C 82 -13.08 13.17 30.59
C LEU C 82 -13.67 14.22 31.49
N SER C 83 -12.93 15.25 31.91
CA SER C 83 -13.50 16.25 32.82
C SER C 83 -14.37 17.31 32.15
N SER C 84 -14.94 18.20 32.95
CA SER C 84 -15.80 19.26 32.43
C SER C 84 -16.62 19.02 31.15
N VAL C 85 -17.23 17.84 31.02
CA VAL C 85 -18.09 17.45 29.88
C VAL C 85 -18.94 18.56 29.17
N THR C 86 -18.86 18.66 27.85
CA THR C 86 -19.63 19.68 27.11
C THR C 86 -20.68 18.98 26.33
N ALA C 87 -21.27 19.70 25.41
CA ALA C 87 -22.30 19.15 24.59
C ALA C 87 -21.66 18.30 23.52
N ALA C 88 -20.36 18.40 23.34
CA ALA C 88 -19.72 17.63 22.28
C ALA C 88 -19.21 16.28 22.62
N ASP C 89 -19.31 15.93 23.90
CA ASP C 89 -18.85 14.64 24.40
C ASP C 89 -19.90 13.52 24.24
N THR C 90 -21.13 13.92 23.96
CA THR C 90 -22.18 12.95 23.73
C THR C 90 -21.67 12.14 22.55
N ALA C 91 -21.45 10.84 22.79
CA ALA C 91 -20.98 9.93 21.75
C ALA C 91 -20.84 8.51 22.27
N VAL C 92 -20.73 7.57 21.34
CA VAL C 92 -20.49 6.18 21.68
C VAL C 92 -19.00 6.11 21.99
N TYR C 93 -18.60 5.46 23.06
CA TYR C 93 -17.20 5.44 23.44
C TYR C 93 -16.64 4.10 23.28
N TYR C 94 -15.55 4.02 22.52
CA TYR C 94 -14.95 2.74 22.32
C TYR C 94 -13.63 2.68 22.99
N CYS C 95 -13.30 1.46 23.32
CA CYS C 95 -12.09 1.05 23.98
C CYS C 95 -11.60 0.05 22.92
N ALA C 96 -10.35 0.12 22.47
CA ALA C 96 -9.94 -0.82 21.41
C ALA C 96 -8.58 -1.33 21.68
N ARG C 97 -8.33 -2.63 21.53
CA ARG C 97 -6.99 -3.12 21.79
C ARG C 97 -6.10 -2.85 20.65
N GLU C 98 -4.91 -2.29 20.93
CA GLU C 98 -3.93 -2.01 19.89
C GLU C 98 -2.85 -3.04 19.90
N ARG C 99 -2.53 -3.58 18.75
CA ARG C 99 -1.51 -4.59 18.71
C ARG C 99 -0.62 -4.41 17.52
N ASP C 100 0.64 -4.10 17.76
CA ASP C 100 1.54 -3.91 16.64
C ASP C 100 0.96 -2.93 15.59
N TYR C 101 0.70 -1.70 16.02
CA TYR C 101 0.17 -0.61 15.20
C TYR C 101 -1.15 -0.79 14.48
N ARG C 102 -2.14 -1.34 15.17
CA ARG C 102 -3.49 -1.56 14.63
C ARG C 102 -4.48 -1.76 15.77
N LEU C 103 -5.68 -1.21 15.64
CA LEU C 103 -6.67 -1.35 16.70
C LEU C 103 -7.41 -2.60 16.37
N ASP C 104 -6.91 -3.73 16.84
CA ASP C 104 -7.55 -4.95 16.50
C ASP C 104 -8.75 -5.40 17.26
N TYR C 105 -8.97 -4.97 18.48
CA TYR C 105 -10.16 -5.40 19.20
C TYR C 105 -10.85 -4.24 19.80
N TRP C 106 -12.14 -4.13 19.51
CA TRP C 106 -12.89 -3.01 20.01
C TRP C 106 -13.97 -3.44 21.03
N GLY C 107 -14.52 -2.50 21.83
CA GLY C 107 -15.55 -2.84 22.81
C GLY C 107 -16.90 -2.74 22.11
N GLN C 108 -18.03 -3.10 22.73
CA GLN C 108 -19.28 -2.96 21.98
C GLN C 108 -19.60 -1.49 21.81
N GLY C 109 -18.92 -0.69 22.60
CA GLY C 109 -19.11 0.74 22.56
C GLY C 109 -20.04 1.09 23.68
N SER C 110 -19.94 2.30 24.21
CA SER C 110 -20.80 2.73 25.29
C SER C 110 -21.41 4.07 24.93
N LEU C 111 -22.73 4.18 24.98
CA LEU C 111 -23.29 5.45 24.66
C LEU C 111 -23.28 6.15 25.97
N VAL C 112 -22.89 7.42 25.89
CA VAL C 112 -22.82 8.37 27.00
C VAL C 112 -23.38 9.63 26.39
N THR C 113 -24.20 10.33 27.12
CA THR C 113 -24.72 11.53 26.58
C THR C 113 -24.85 12.58 27.65
N VAL C 114 -24.51 13.79 27.28
CA VAL C 114 -24.62 14.89 28.23
C VAL C 114 -25.99 15.56 28.06
N SER C 115 -26.55 15.91 29.20
CA SER C 115 -27.86 16.50 29.28
C SER C 115 -27.94 18.00 29.00
N SER C 116 -28.62 18.72 29.90
CA SER C 116 -28.87 20.16 29.79
C SER C 116 -29.71 20.32 28.52
N ASP D 1 1.59 16.45 13.96
CA ASP D 1 0.16 16.05 13.94
C ASP D 1 -0.26 15.71 12.50
N ILE D 2 -0.39 14.45 12.12
CA ILE D 2 -0.79 14.22 10.74
C ILE D 2 -2.30 13.94 10.62
N GLN D 3 -2.96 14.54 9.63
CA GLN D 3 -4.38 14.32 9.44
C GLN D 3 -4.74 13.54 8.20
N MET D 4 -5.56 12.53 8.38
CA MET D 4 -5.99 11.77 7.25
C MET D 4 -7.09 12.59 6.71
N THR D 5 -7.34 12.38 5.42
CA THR D 5 -8.37 13.07 4.63
C THR D 5 -9.00 12.05 3.69
N GLN D 6 -10.28 11.81 3.87
CA GLN D 6 -10.96 10.80 3.09
C GLN D 6 -12.04 11.21 2.07
N SER D 7 -12.11 10.44 0.98
CA SER D 7 -13.06 10.64 -0.11
C SER D 7 -13.33 9.33 -0.85
N PRO D 8 -14.55 9.12 -1.39
CA PRO D 8 -15.73 9.98 -1.38
C PRO D 8 -16.33 9.90 0.00
N SER D 9 -17.46 10.58 0.17
CA SER D 9 -18.15 10.56 1.43
C SER D 9 -19.17 9.43 1.36
N SER D 10 -19.41 8.91 0.15
CA SER D 10 -20.36 7.83 -0.04
C SER D 10 -20.38 7.31 -1.47
N LEU D 11 -20.85 6.09 -1.67
CA LEU D 11 -20.92 5.50 -3.00
C LEU D 11 -22.10 4.56 -3.07
N SER D 12 -23.23 5.04 -3.57
CA SER D 12 -24.37 4.16 -3.73
C SER D 12 -23.88 3.42 -4.95
N ALA D 13 -23.69 2.11 -4.86
CA ALA D 13 -23.17 1.32 -5.97
C ALA D 13 -23.90 0.01 -6.08
N SER D 14 -23.73 -0.66 -7.22
CA SER D 14 -24.40 -1.94 -7.45
C SER D 14 -23.51 -3.02 -6.95
N VAL D 15 -23.98 -4.26 -6.98
CA VAL D 15 -23.18 -5.37 -6.49
C VAL D 15 -22.27 -5.95 -7.57
N GLY D 16 -20.97 -5.67 -7.49
CA GLY D 16 -20.00 -6.17 -8.46
C GLY D 16 -19.09 -5.05 -8.96
N ASP D 17 -19.32 -3.90 -8.34
CA ASP D 17 -18.61 -2.71 -8.68
C ASP D 17 -17.30 -2.63 -8.01
N ARG D 18 -16.37 -2.06 -8.73
CA ARG D 18 -15.04 -1.85 -8.25
C ARG D 18 -15.12 -0.59 -7.44
N VAL D 19 -15.68 -0.68 -6.25
CA VAL D 19 -15.75 0.49 -5.38
C VAL D 19 -14.32 0.78 -4.93
N THR D 20 -13.92 2.04 -4.90
CA THR D 20 -12.57 2.36 -4.50
C THR D 20 -12.56 3.56 -3.58
N ILE D 21 -12.16 3.36 -2.31
CA ILE D 21 -12.07 4.40 -1.29
C ILE D 21 -10.60 4.86 -1.12
N THR D 22 -10.37 6.13 -0.78
CA THR D 22 -8.99 6.66 -0.67
C THR D 22 -8.70 7.64 0.49
N CYS D 23 -7.61 7.39 1.20
CA CYS D 23 -7.20 8.27 2.26
C CYS D 23 -5.92 8.89 1.80
N ARG D 24 -5.77 10.20 2.01
CA ARG D 24 -4.58 10.96 1.68
C ARG D 24 -4.19 11.49 3.05
N ALA D 25 -2.90 11.61 3.32
CA ALA D 25 -2.49 12.04 4.62
C ALA D 25 -1.70 13.30 4.59
N SER D 26 -1.86 14.08 5.64
CA SER D 26 -1.22 15.37 5.86
C SER D 26 0.28 15.31 5.70
N GLY D 27 0.85 14.16 6.00
CA GLY D 27 2.28 14.01 5.85
C GLY D 27 2.49 12.54 5.63
N ASN D 28 3.73 12.18 5.35
CA ASN D 28 4.08 10.80 5.10
C ASN D 28 3.87 9.92 6.32
N ILE D 29 3.01 8.90 6.17
CA ILE D 29 2.77 7.95 7.25
C ILE D 29 3.55 6.64 6.97
N HIS D 30 4.29 6.62 5.87
CA HIS D 30 5.12 5.50 5.54
C HIS D 30 4.42 4.16 5.65
N ASN D 31 3.33 4.03 4.93
CA ASN D 31 2.55 2.80 4.87
C ASN D 31 2.02 2.33 6.24
N TYR D 32 1.89 3.28 7.16
CA TYR D 32 1.38 2.96 8.48
C TYR D 32 -0.08 3.29 8.57
N LEU D 33 -0.91 2.65 7.74
CA LEU D 33 -2.34 2.98 7.86
C LEU D 33 -3.28 1.79 7.84
N ALA D 34 -4.21 1.82 8.78
CA ALA D 34 -5.18 0.76 8.91
C ALA D 34 -6.47 1.19 8.28
N TRP D 35 -7.32 0.22 7.93
CA TRP D 35 -8.67 0.49 7.38
C TRP D 35 -9.65 -0.29 8.26
N TYR D 36 -10.89 0.17 8.40
CA TYR D 36 -11.83 -0.51 9.25
C TYR D 36 -13.22 -0.51 8.62
N GLN D 37 -13.93 -1.61 8.73
CA GLN D 37 -15.25 -1.67 8.19
C GLN D 37 -16.19 -1.48 9.33
N GLN D 38 -17.07 -0.50 9.29
CA GLN D 38 -18.05 -0.36 10.39
C GLN D 38 -19.44 -0.55 9.82
N LYS D 39 -20.06 -1.69 10.10
CA LYS D 39 -21.41 -1.97 9.60
C LYS D 39 -22.36 -1.16 10.43
N PRO D 40 -23.57 -0.89 9.91
CA PRO D 40 -24.55 -0.09 10.65
C PRO D 40 -24.82 -0.66 12.04
N GLY D 41 -25.08 0.23 12.98
CA GLY D 41 -25.37 -0.18 14.34
C GLY D 41 -24.33 -0.95 15.13
N LYS D 42 -23.09 -1.01 14.67
CA LYS D 42 -22.08 -1.76 15.41
C LYS D 42 -20.73 -1.04 15.50
N ALA D 43 -19.87 -1.54 16.37
CA ALA D 43 -18.54 -1.00 16.56
C ALA D 43 -17.75 -1.27 15.30
N PRO D 44 -16.77 -0.41 14.99
CA PRO D 44 -15.97 -0.62 13.78
C PRO D 44 -15.08 -1.93 13.81
N LYS D 45 -14.78 -2.48 12.63
CA LYS D 45 -14.03 -3.74 12.47
C LYS D 45 -12.82 -3.56 11.62
N LEU D 46 -11.70 -4.16 12.02
CA LEU D 46 -10.41 -4.09 11.27
C LEU D 46 -10.50 -4.84 9.95
N LEU D 47 -9.74 -4.49 8.93
CA LEU D 47 -9.82 -5.26 7.68
C LEU D 47 -8.48 -5.31 6.95
N ILE D 48 -7.65 -4.29 7.17
CA ILE D 48 -6.37 -4.15 6.49
C ILE D 48 -5.51 -3.27 7.35
N TYR D 49 -4.33 -3.76 7.72
CA TYR D 49 -3.37 -3.00 8.50
C TYR D 49 -2.14 -2.92 7.62
N TYR D 50 -1.23 -2.00 7.94
CA TYR D 50 0.00 -1.78 7.21
C TYR D 50 -0.25 -1.67 5.71
N THR D 51 -1.28 -0.90 5.42
CA THR D 51 -1.78 -0.61 4.08
C THR D 51 -2.34 -1.76 3.29
N THR D 52 -1.51 -2.76 3.00
CA THR D 52 -1.91 -3.90 2.16
C THR D 52 -2.23 -5.23 2.81
N THR D 53 -1.86 -5.40 4.07
CA THR D 53 -2.08 -6.66 4.74
C THR D 53 -3.49 -6.67 5.20
N LEU D 54 -4.18 -7.80 5.04
CA LEU D 54 -5.56 -7.79 5.49
C LEU D 54 -5.83 -8.76 6.60
N ALA D 55 -6.78 -8.42 7.46
CA ALA D 55 -7.13 -9.22 8.63
C ALA D 55 -7.63 -10.62 8.44
N ASP D 56 -7.52 -11.40 9.50
CA ASP D 56 -7.96 -12.76 9.44
C ASP D 56 -9.41 -12.87 9.04
N GLY D 57 -9.67 -13.77 8.10
CA GLY D 57 -11.02 -14.00 7.62
C GLY D 57 -11.61 -12.82 6.89
N VAL D 58 -10.83 -12.22 6.01
CA VAL D 58 -11.31 -11.09 5.22
C VAL D 58 -11.19 -11.59 3.79
N PRO D 59 -12.30 -11.61 3.06
CA PRO D 59 -12.32 -12.08 1.68
C PRO D 59 -11.33 -11.31 0.86
N SER D 60 -11.28 -11.61 -0.41
CA SER D 60 -10.28 -10.96 -1.22
C SER D 60 -10.68 -9.80 -2.10
N ARG D 61 -11.89 -9.30 -1.94
CA ARG D 61 -12.29 -8.19 -2.78
C ARG D 61 -11.44 -7.04 -2.32
N PHE D 62 -11.20 -7.03 -1.02
CA PHE D 62 -10.44 -5.99 -0.40
C PHE D 62 -9.04 -5.98 -0.79
N SER D 63 -8.55 -4.81 -1.11
CA SER D 63 -7.14 -4.65 -1.41
C SER D 63 -6.80 -3.49 -0.48
N GLY D 64 -5.92 -2.63 -0.94
CA GLY D 64 -5.49 -1.49 -0.16
C GLY D 64 -4.06 -1.32 -0.62
N SER D 65 -3.74 -0.19 -1.23
CA SER D 65 -2.39 0.05 -1.70
C SER D 65 -1.99 1.50 -1.52
N GLY D 66 -0.88 1.87 -2.14
CA GLY D 66 -0.44 3.24 -2.01
C GLY D 66 0.73 3.35 -1.07
N SER D 67 1.28 4.54 -0.97
CA SER D 67 2.41 4.70 -0.09
C SER D 67 2.68 6.17 0.13
N GLY D 68 3.46 6.49 1.15
CA GLY D 68 3.75 7.88 1.41
C GLY D 68 2.58 8.61 2.02
N THR D 69 1.92 9.45 1.22
CA THR D 69 0.77 10.21 1.72
C THR D 69 -0.56 9.87 1.08
N ASP D 70 -0.57 9.14 -0.03
CA ASP D 70 -1.81 8.75 -0.70
C ASP D 70 -2.01 7.24 -0.65
N TYR D 71 -2.99 6.81 0.14
CA TYR D 71 -3.34 5.42 0.32
C TYR D 71 -4.65 5.18 -0.30
N THR D 72 -5.03 3.91 -0.42
CA THR D 72 -6.27 3.58 -1.04
C THR D 72 -6.79 2.19 -0.67
N PHE D 73 -8.03 1.88 -1.01
CA PHE D 73 -8.64 0.64 -0.56
C PHE D 73 -9.69 0.19 -1.54
N THR D 74 -9.64 -1.06 -2.00
CA THR D 74 -10.61 -1.47 -2.99
C THR D 74 -11.40 -2.71 -2.69
N ILE D 75 -12.72 -2.62 -2.72
CA ILE D 75 -13.58 -3.80 -2.56
C ILE D 75 -13.79 -4.00 -4.04
N SER D 76 -13.17 -4.96 -4.69
CA SER D 76 -13.32 -5.05 -6.15
C SER D 76 -14.68 -5.45 -6.71
N SER D 77 -15.34 -6.36 -6.01
CA SER D 77 -16.62 -6.89 -6.39
C SER D 77 -17.54 -6.49 -5.25
N LEU D 78 -18.27 -5.40 -5.39
CA LEU D 78 -19.13 -5.02 -4.28
C LEU D 78 -20.10 -6.13 -3.84
N GLN D 79 -20.17 -6.35 -2.55
CA GLN D 79 -21.06 -7.35 -2.02
C GLN D 79 -21.88 -6.78 -0.91
N PRO D 80 -23.19 -7.08 -0.93
CA PRO D 80 -24.18 -6.65 0.05
C PRO D 80 -23.71 -6.81 1.49
N GLU D 81 -22.68 -7.61 1.70
CA GLU D 81 -22.14 -7.84 3.04
C GLU D 81 -21.00 -6.86 3.28
N ASP D 82 -20.95 -5.85 2.43
CA ASP D 82 -19.90 -4.86 2.49
C ASP D 82 -20.43 -3.44 2.74
N ILE D 83 -21.72 -3.37 3.01
CA ILE D 83 -22.37 -2.12 3.31
C ILE D 83 -21.92 -1.77 4.72
N ALA D 84 -21.11 -0.72 4.79
CA ALA D 84 -20.57 -0.23 6.03
C ALA D 84 -19.93 1.11 5.73
N THR D 85 -19.52 1.78 6.81
CA THR D 85 -18.83 3.04 6.69
C THR D 85 -17.38 2.58 6.92
N TYR D 86 -16.50 2.86 5.97
CA TYR D 86 -15.11 2.46 6.04
C TYR D 86 -14.29 3.60 6.47
N TYR D 87 -13.60 3.46 7.58
CA TYR D 87 -12.78 4.52 8.06
C TYR D 87 -11.34 4.11 7.90
N CYS D 88 -10.41 5.07 7.92
CA CYS D 88 -9.00 4.76 7.83
C CYS D 88 -8.31 5.44 9.02
N GLN D 89 -7.18 4.94 9.47
CA GLN D 89 -6.48 5.56 10.57
C GLN D 89 -5.01 5.27 10.45
N HIS D 90 -4.13 6.29 10.53
CA HIS D 90 -2.70 6.07 10.45
C HIS D 90 -2.20 5.82 11.85
N PHE D 91 -0.98 5.37 11.95
CA PHE D 91 -0.34 5.05 13.21
C PHE D 91 1.01 5.58 13.11
N TRP D 92 1.25 6.40 12.11
CA TRP D 92 2.59 6.89 11.93
C TRP D 92 3.09 7.63 13.14
N SER D 93 2.21 8.31 13.88
CA SER D 93 2.70 9.09 14.99
C SER D 93 1.49 9.42 15.78
N THR D 94 1.62 9.73 17.08
CA THR D 94 0.42 10.15 17.84
C THR D 94 0.27 11.61 17.50
N PRO D 95 -0.98 12.07 17.29
CA PRO D 95 -2.21 11.29 17.37
C PRO D 95 -2.63 10.56 16.14
N ARG D 96 -3.04 9.33 16.33
CA ARG D 96 -3.54 8.57 15.21
C ARG D 96 -4.71 9.49 14.87
N THR D 97 -5.27 9.41 13.67
CA THR D 97 -6.33 10.32 13.25
C THR D 97 -7.12 9.49 12.28
N PHE D 98 -8.44 9.54 12.41
CA PHE D 98 -9.25 8.74 11.53
C PHE D 98 -9.57 9.50 10.25
N GLY D 99 -9.78 8.78 9.17
CA GLY D 99 -10.19 9.46 7.96
C GLY D 99 -11.63 9.77 8.36
N GLN D 100 -12.34 10.53 7.55
CA GLN D 100 -13.71 10.83 7.93
C GLN D 100 -14.63 9.68 7.64
N GLY D 101 -14.16 8.71 6.87
CA GLY D 101 -14.98 7.57 6.52
C GLY D 101 -15.93 7.73 5.35
N THR D 102 -15.97 6.73 4.46
CA THR D 102 -16.83 6.66 3.27
C THR D 102 -17.99 5.75 3.64
N LYS D 103 -19.23 6.11 3.33
CA LYS D 103 -20.34 5.22 3.65
C LYS D 103 -20.81 4.51 2.40
N VAL D 104 -20.42 3.25 2.24
CA VAL D 104 -20.82 2.48 1.06
C VAL D 104 -22.21 1.87 1.19
N GLU D 105 -23.00 2.03 0.13
CA GLU D 105 -24.34 1.50 0.13
C GLU D 105 -24.71 1.09 -1.27
N ILE D 106 -25.49 0.02 -1.31
CA ILE D 106 -25.95 -0.55 -2.54
C ILE D 106 -26.85 0.41 -3.30
N LYS D 107 -26.39 0.82 -4.46
CA LYS D 107 -27.11 1.75 -5.27
C LYS D 107 -28.50 1.27 -5.58
N ARG D 108 -29.46 2.18 -5.43
CA ARG D 108 -30.91 2.02 -5.64
C ARG D 108 -31.73 2.26 -4.34
#